data_7JTM
#
_entry.id   7JTM
#
_cell.length_a   61.849
_cell.length_b   61.849
_cell.length_c   157.720
_cell.angle_alpha   90.00
_cell.angle_beta   90.00
_cell.angle_gamma   90.00
#
_symmetry.space_group_name_H-M   'P 41 21 2'
#
loop_
_entity.id
_entity.type
_entity.pdbx_description
1 polymer 'Nuclear receptor ROR-gamma'
2 non-polymer 'trans-4-[(3aR,9bR)-8-cyano-9b-[(4-fluorophenyl)sulfonyl]-7-(1,1,1,2,3,3,3-heptafluoropropan-2-yl)-1,2,3a,4,5,9b-hexahydro-3H-benzo[e]indole-3-carbonyl]cyclohexane-1-carboxylic acid'
3 water water
#
_entity_poly.entity_id   1
_entity_poly.type   'polypeptide(L)'
_entity_poly.pdbx_seq_one_letter_code
;MGSSHHHHHHSSGLVPRGSHMASLTEIEHLVQSVCKSYRETCQLRLEDLLRQRSNIFSREEVTGYQRKSMWEMWERCAHH
LTEAIQYVVEFAKRLSGFMELCQNDQIVLLKAGAMEVVLVRMCRAYNADNRTVFFEGKYGGMELFRALGCSELISSIFDF
SHSLSALHFSEDEIALYTALVLINAHRPGLQEKRKVEQLQYNLELAFHHHLCKTHRQSILAKLPPKGKLRSLCSQHVERL
QIFQHLHPIVVQAAFPPLYKELFSTSGGSGGLTERHKILHRLLQE
;
_entity_poly.pdbx_strand_id   A
#
# COMPACT_ATOMS: atom_id res chain seq x y z
N MET A 21 2.24 -31.01 4.80
CA MET A 21 3.30 -30.05 5.06
C MET A 21 2.86 -28.94 6.02
N ALA A 22 3.83 -28.35 6.74
CA ALA A 22 3.64 -27.27 7.74
C ALA A 22 2.67 -27.63 8.89
N SER A 23 3.20 -27.72 10.12
CA SER A 23 2.47 -28.03 11.36
C SER A 23 2.07 -26.72 12.12
N LEU A 24 1.40 -26.84 13.29
CA LEU A 24 0.93 -25.71 14.08
C LEU A 24 2.03 -24.78 14.57
N THR A 25 3.15 -25.35 15.00
CA THR A 25 4.28 -24.58 15.51
C THR A 25 4.97 -23.79 14.36
N GLU A 26 4.95 -24.33 13.14
CA GLU A 26 5.51 -23.69 11.95
C GLU A 26 4.58 -22.55 11.47
N ILE A 27 3.25 -22.74 11.56
CA ILE A 27 2.29 -21.70 11.22
C ILE A 27 2.43 -20.52 12.19
N GLU A 28 2.57 -20.81 13.51
CA GLU A 28 2.76 -19.73 14.48
C GLU A 28 4.09 -19.00 14.27
N HIS A 29 5.12 -19.72 13.84
CA HIS A 29 6.42 -19.10 13.55
C HIS A 29 6.30 -18.15 12.34
N LEU A 30 5.50 -18.54 11.34
CA LEU A 30 5.27 -17.71 10.16
C LEU A 30 4.55 -16.42 10.56
N VAL A 31 3.52 -16.50 11.43
CA VAL A 31 2.74 -15.34 11.91
C VAL A 31 3.70 -14.29 12.52
N GLN A 32 4.62 -14.75 13.36
CA GLN A 32 5.53 -13.87 14.05
C GLN A 32 6.60 -13.28 13.17
N SER A 33 7.13 -14.03 12.19
CA SER A 33 8.11 -13.44 11.30
C SER A 33 7.43 -12.43 10.37
N VAL A 34 6.18 -12.70 9.90
CA VAL A 34 5.43 -11.75 9.07
C VAL A 34 5.17 -10.47 9.87
N CYS A 35 4.78 -10.60 11.16
CA CYS A 35 4.54 -9.43 12.00
C CYS A 35 5.80 -8.64 12.28
N LYS A 36 6.92 -9.34 12.48
CA LYS A 36 8.21 -8.70 12.70
C LYS A 36 8.62 -7.93 11.44
N SER A 37 8.57 -8.59 10.25
CA SER A 37 8.95 -8.02 8.94
C SER A 37 8.17 -6.76 8.63
N TYR A 38 6.88 -6.76 8.97
CA TYR A 38 6.01 -5.63 8.78
C TYR A 38 6.41 -4.49 9.74
N ARG A 39 6.65 -4.80 11.02
CA ARG A 39 7.03 -3.77 12.01
C ARG A 39 8.30 -3.04 11.60
N GLU A 40 9.29 -3.77 11.08
CA GLU A 40 10.58 -3.25 10.65
C GLU A 40 10.54 -2.42 9.36
N THR A 41 9.50 -2.59 8.54
CA THR A 41 9.41 -1.94 7.24
C THR A 41 8.24 -0.96 7.12
N CYS A 42 7.81 -0.42 8.24
CA CYS A 42 6.76 0.59 8.23
C CYS A 42 7.41 1.95 8.14
N GLN A 43 6.96 2.75 7.18
CA GLN A 43 7.51 4.07 6.99
C GLN A 43 7.22 4.95 8.22
N LEU A 44 6.02 4.84 8.78
CA LEU A 44 5.63 5.59 9.96
C LEU A 44 5.15 4.69 11.08
N ARG A 45 5.55 5.04 12.32
CA ARG A 45 5.13 4.32 13.51
C ARG A 45 3.68 4.68 13.78
N LEU A 46 2.82 3.70 14.10
CA LEU A 46 1.42 3.98 14.39
C LEU A 46 1.24 4.97 15.58
N GLU A 47 2.09 4.86 16.60
CA GLU A 47 2.03 5.75 17.76
C GLU A 47 2.30 7.20 17.32
N ASP A 48 3.27 7.39 16.42
CA ASP A 48 3.58 8.71 15.90
C ASP A 48 2.39 9.30 15.16
N LEU A 49 1.71 8.49 14.32
CA LEU A 49 0.52 8.93 13.58
C LEU A 49 -0.64 9.26 14.51
N LEU A 50 -0.77 8.52 15.61
CA LEU A 50 -1.86 8.77 16.56
C LEU A 50 -1.58 10.02 17.39
N ARG A 51 -0.34 10.23 17.82
CA ARG A 51 0.04 11.41 18.59
C ARG A 51 -0.06 12.74 17.82
N GLN A 52 -0.15 12.67 16.47
CA GLN A 52 -0.26 13.86 15.61
C GLN A 52 -1.69 14.18 15.19
N ARG A 53 -2.69 13.40 15.63
CA ARG A 53 -4.08 13.61 15.20
C ARG A 53 -4.63 15.03 15.40
N SER A 54 -4.12 15.79 16.40
CA SER A 54 -4.56 17.19 16.64
C SER A 54 -3.89 18.19 15.70
N ASN A 55 -2.72 17.84 15.12
CA ASN A 55 -1.98 18.68 14.18
C ASN A 55 -2.67 18.66 12.81
N ILE A 56 -3.66 19.54 12.60
CA ILE A 56 -4.46 19.59 11.38
C ILE A 56 -4.16 20.85 10.57
N PHE A 57 -4.14 20.74 9.23
CA PHE A 57 -3.90 21.90 8.37
C PHE A 57 -4.99 22.95 8.55
N SER A 58 -4.56 24.21 8.78
CA SER A 58 -5.44 25.37 8.94
C SER A 58 -6.09 25.74 7.60
N ARG A 59 -7.21 26.51 7.63
CA ARG A 59 -7.92 26.96 6.42
C ARG A 59 -6.97 27.62 5.39
N GLU A 60 -5.95 28.36 5.86
CA GLU A 60 -4.97 29.03 5.01
C GLU A 60 -4.04 28.03 4.36
N GLU A 61 -3.62 27.00 5.11
CA GLU A 61 -2.71 25.99 4.58
C GLU A 61 -3.40 25.15 3.51
N VAL A 62 -4.68 24.82 3.72
CA VAL A 62 -5.48 24.06 2.76
C VAL A 62 -5.59 24.87 1.45
N THR A 63 -5.84 26.18 1.57
CA THR A 63 -5.95 27.09 0.43
C THR A 63 -4.63 27.15 -0.36
N GLY A 64 -3.50 27.13 0.34
CA GLY A 64 -2.20 27.07 -0.29
C GLY A 64 -2.00 25.81 -1.11
N TYR A 65 -2.48 24.64 -0.60
CA TYR A 65 -2.36 23.40 -1.35
C TYR A 65 -3.24 23.41 -2.59
N GLN A 66 -4.46 23.97 -2.46
CA GLN A 66 -5.41 24.06 -3.56
C GLN A 66 -4.93 25.00 -4.65
N ARG A 67 -4.27 26.10 -4.27
CA ARG A 67 -3.70 27.07 -5.20
C ARG A 67 -2.43 26.58 -5.89
N LYS A 68 -1.77 25.52 -5.39
CA LYS A 68 -0.60 24.96 -6.06
C LYS A 68 -0.96 24.45 -7.47
N SER A 69 0.00 24.47 -8.39
CA SER A 69 -0.27 23.98 -9.74
C SER A 69 -0.46 22.47 -9.71
N MET A 70 -1.27 21.97 -10.66
CA MET A 70 -1.55 20.55 -10.79
C MET A 70 -0.27 19.71 -10.89
N TRP A 71 0.68 20.15 -11.72
CA TRP A 71 1.94 19.42 -11.89
C TRP A 71 2.79 19.40 -10.61
N GLU A 72 2.79 20.48 -9.83
CA GLU A 72 3.54 20.56 -8.57
C GLU A 72 2.97 19.56 -7.55
N MET A 73 1.63 19.47 -7.46
CA MET A 73 0.97 18.55 -6.53
C MET A 73 1.20 17.10 -6.94
N TRP A 74 1.13 16.81 -8.25
CA TRP A 74 1.34 15.48 -8.78
C TRP A 74 2.75 14.99 -8.46
N GLU A 75 3.74 15.87 -8.61
CA GLU A 75 5.12 15.56 -8.33
C GLU A 75 5.33 15.26 -6.85
N ARG A 76 4.72 16.05 -5.97
CA ARG A 76 4.82 15.81 -4.51
C ARG A 76 4.18 14.48 -4.13
N CYS A 77 3.01 14.19 -4.67
CA CYS A 77 2.31 12.96 -4.36
C CYS A 77 3.05 11.73 -4.85
N ALA A 78 3.53 11.75 -6.10
CA ALA A 78 4.32 10.66 -6.67
C ALA A 78 5.62 10.45 -5.89
N HIS A 79 6.20 11.53 -5.32
CA HIS A 79 7.37 11.43 -4.49
C HIS A 79 7.01 10.70 -3.17
N HIS A 80 5.88 11.06 -2.54
CA HIS A 80 5.46 10.40 -1.31
C HIS A 80 5.06 8.96 -1.54
N LEU A 81 4.48 8.65 -2.72
CA LEU A 81 4.11 7.28 -3.08
C LEU A 81 5.37 6.44 -3.34
N THR A 82 6.39 7.03 -3.99
CA THR A 82 7.65 6.32 -4.24
C THR A 82 8.32 5.96 -2.93
N GLU A 83 8.32 6.87 -1.92
CA GLU A 83 8.94 6.55 -0.63
C GLU A 83 8.22 5.38 0.04
N ALA A 84 6.87 5.38 0.01
CA ALA A 84 6.05 4.33 0.62
C ALA A 84 6.24 2.99 -0.10
N ILE A 85 6.36 3.00 -1.43
CA ILE A 85 6.62 1.78 -2.20
C ILE A 85 8.01 1.19 -1.83
N GLN A 86 8.99 2.05 -1.58
CA GLN A 86 10.32 1.60 -1.18
C GLN A 86 10.30 0.79 0.13
N TYR A 87 9.44 1.17 1.09
CA TYR A 87 9.29 0.42 2.33
C TYR A 87 8.58 -0.94 2.08
N VAL A 88 7.63 -0.97 1.10
CA VAL A 88 6.91 -2.16 0.68
C VAL A 88 7.86 -3.13 -0.03
N VAL A 89 8.82 -2.64 -0.81
CA VAL A 89 9.82 -3.50 -1.44
C VAL A 89 10.65 -4.21 -0.35
N GLU A 90 11.04 -3.46 0.68
CA GLU A 90 11.79 -3.94 1.82
C GLU A 90 11.00 -4.94 2.65
N PHE A 91 9.67 -4.77 2.74
CA PHE A 91 8.78 -5.71 3.43
C PHE A 91 8.80 -7.04 2.66
N ALA A 92 8.71 -6.98 1.32
CA ALA A 92 8.75 -8.16 0.46
C ALA A 92 10.09 -8.89 0.59
N LYS A 93 11.21 -8.16 0.58
CA LYS A 93 12.54 -8.76 0.75
C LYS A 93 12.72 -9.45 2.09
N ARG A 94 11.98 -9.02 3.12
CA ARG A 94 12.02 -9.66 4.44
C ARG A 94 10.96 -10.78 4.61
N LEU A 95 9.96 -10.83 3.72
CA LEU A 95 8.91 -11.81 3.75
C LEU A 95 9.46 -13.19 3.42
N SER A 96 9.24 -14.14 4.34
CA SER A 96 9.72 -15.51 4.26
C SER A 96 9.29 -16.21 2.98
N GLY A 97 10.22 -16.59 2.14
CA GLY A 97 9.89 -17.26 0.89
C GLY A 97 9.99 -16.40 -0.35
N PHE A 98 9.85 -15.06 -0.21
CA PHE A 98 9.89 -14.14 -1.35
C PHE A 98 11.21 -14.11 -2.11
N MET A 99 12.35 -14.01 -1.42
CA MET A 99 13.65 -14.01 -2.09
C MET A 99 14.04 -15.37 -2.69
N GLU A 100 13.35 -16.45 -2.29
CA GLU A 100 13.57 -17.79 -2.83
C GLU A 100 12.99 -17.88 -4.26
N LEU A 101 11.88 -17.14 -4.54
CA LEU A 101 11.25 -17.07 -5.85
C LEU A 101 12.24 -16.47 -6.87
N CYS A 102 11.98 -16.69 -8.16
CA CYS A 102 12.83 -16.16 -9.21
C CYS A 102 12.60 -14.63 -9.37
N GLN A 103 13.60 -13.92 -9.91
CA GLN A 103 13.52 -12.47 -10.10
C GLN A 103 12.32 -12.02 -10.92
N ASN A 104 11.94 -12.78 -11.96
CA ASN A 104 10.77 -12.43 -12.76
C ASN A 104 9.50 -12.41 -11.88
N ASP A 105 9.37 -13.41 -11.00
CA ASP A 105 8.20 -13.51 -10.15
C ASP A 105 8.20 -12.49 -9.04
N GLN A 106 9.37 -12.15 -8.49
CA GLN A 106 9.52 -11.09 -7.48
C GLN A 106 9.05 -9.74 -8.05
N ILE A 107 9.40 -9.47 -9.32
CA ILE A 107 9.07 -8.23 -10.00
C ILE A 107 7.61 -8.21 -10.42
N VAL A 108 7.08 -9.34 -10.89
CA VAL A 108 5.67 -9.44 -11.26
C VAL A 108 4.78 -9.16 -10.02
N LEU A 109 5.16 -9.72 -8.88
CA LEU A 109 4.40 -9.53 -7.65
C LEU A 109 4.51 -8.09 -7.11
N LEU A 110 5.67 -7.45 -7.22
CA LEU A 110 5.84 -6.08 -6.74
C LEU A 110 5.11 -5.08 -7.67
N LYS A 111 5.15 -5.32 -9.00
CA LYS A 111 4.46 -4.44 -9.95
C LYS A 111 2.98 -4.46 -9.78
N ALA A 112 2.41 -5.62 -9.47
CA ALA A 112 0.97 -5.73 -9.29
C ALA A 112 0.52 -5.44 -7.85
N GLY A 113 1.37 -5.69 -6.86
CA GLY A 113 0.95 -5.57 -5.47
C GLY A 113 1.51 -4.49 -4.58
N ALA A 114 2.59 -3.80 -4.99
CA ALA A 114 3.16 -2.76 -4.13
C ALA A 114 2.19 -1.63 -3.83
N MET A 115 1.46 -1.15 -4.85
CA MET A 115 0.49 -0.06 -4.72
C MET A 115 -0.74 -0.52 -3.91
N GLU A 116 -1.17 -1.78 -4.08
CA GLU A 116 -2.27 -2.36 -3.33
C GLU A 116 -1.88 -2.40 -1.83
N VAL A 117 -0.60 -2.76 -1.53
CA VAL A 117 -0.07 -2.76 -0.17
C VAL A 117 -0.03 -1.32 0.41
N VAL A 118 0.38 -0.33 -0.38
CA VAL A 118 0.38 1.07 0.06
C VAL A 118 -1.06 1.53 0.38
N LEU A 119 -2.01 1.15 -0.47
CA LEU A 119 -3.42 1.46 -0.28
C LEU A 119 -3.97 0.88 1.04
N VAL A 120 -3.53 -0.35 1.44
CA VAL A 120 -3.97 -0.94 2.71
C VAL A 120 -3.23 -0.22 3.88
N ARG A 121 -1.89 -0.09 3.81
CA ARG A 121 -1.09 0.56 4.86
C ARG A 121 -1.55 2.00 5.16
N MET A 122 -2.07 2.67 4.17
CA MET A 122 -2.57 4.03 4.26
C MET A 122 -3.68 4.22 5.33
N CYS A 123 -4.46 3.15 5.65
CA CYS A 123 -5.53 3.27 6.66
C CYS A 123 -4.99 3.66 8.03
N ARG A 124 -3.71 3.38 8.31
CA ARG A 124 -3.05 3.73 9.57
C ARG A 124 -2.81 5.23 9.69
N ALA A 125 -2.62 5.92 8.56
CA ALA A 125 -2.44 7.37 8.52
C ALA A 125 -3.78 8.10 8.33
N TYR A 126 -4.91 7.40 8.39
CA TYR A 126 -6.23 7.97 8.22
C TYR A 126 -6.94 8.11 9.60
N ASN A 127 -7.72 9.18 9.77
CA ASN A 127 -8.48 9.45 10.99
C ASN A 127 -9.97 9.47 10.60
N ALA A 128 -10.70 8.41 10.91
CA ALA A 128 -12.13 8.30 10.56
C ALA A 128 -13.02 9.32 11.30
N ASP A 129 -12.60 9.78 12.50
CA ASP A 129 -13.35 10.76 13.29
C ASP A 129 -13.57 12.08 12.55
N ASN A 130 -12.58 12.54 11.76
CA ASN A 130 -12.75 13.77 10.99
C ASN A 130 -12.47 13.62 9.49
N ARG A 131 -12.26 12.37 9.01
CA ARG A 131 -11.99 12.00 7.62
C ARG A 131 -10.76 12.71 7.04
N THR A 132 -9.65 12.70 7.81
CA THR A 132 -8.41 13.33 7.41
C THR A 132 -7.31 12.30 7.27
N VAL A 133 -6.27 12.64 6.50
CA VAL A 133 -5.14 11.78 6.26
C VAL A 133 -3.85 12.54 6.60
N PHE A 134 -2.82 11.83 7.07
CA PHE A 134 -1.53 12.45 7.39
C PHE A 134 -0.79 12.70 6.10
N PHE A 135 -0.35 13.94 5.86
CA PHE A 135 0.33 14.30 4.63
C PHE A 135 1.28 15.44 4.92
N GLU A 136 2.56 15.27 4.68
CA GLU A 136 3.55 16.33 4.88
C GLU A 136 3.46 17.04 6.25
N GLY A 137 3.42 16.25 7.32
CA GLY A 137 3.46 16.75 8.68
C GLY A 137 2.16 16.98 9.41
N LYS A 138 1.05 17.08 8.68
CA LYS A 138 -0.24 17.33 9.31
C LYS A 138 -1.38 16.56 8.66
N TYR A 139 -2.54 16.53 9.32
CA TYR A 139 -3.74 15.89 8.81
C TYR A 139 -4.59 16.85 8.02
N GLY A 140 -5.06 16.39 6.87
CA GLY A 140 -5.93 17.21 6.04
C GLY A 140 -6.97 16.35 5.35
N GLY A 141 -8.07 16.97 4.96
CA GLY A 141 -9.15 16.27 4.30
C GLY A 141 -8.93 16.11 2.81
N MET A 142 -9.94 15.56 2.14
CA MET A 142 -9.99 15.31 0.70
C MET A 142 -9.72 16.56 -0.11
N GLU A 143 -10.21 17.71 0.36
CA GLU A 143 -10.09 18.98 -0.31
C GLU A 143 -8.65 19.49 -0.42
N LEU A 144 -7.72 18.94 0.35
CA LEU A 144 -6.31 19.29 0.30
C LEU A 144 -5.72 18.95 -1.10
N PHE A 145 -6.27 17.93 -1.77
CA PHE A 145 -5.80 17.36 -3.02
C PHE A 145 -6.58 17.80 -4.26
N ARG A 146 -7.40 18.85 -4.15
CA ARG A 146 -8.22 19.37 -5.23
C ARG A 146 -7.41 19.82 -6.46
N ALA A 147 -6.13 20.24 -6.26
CA ALA A 147 -5.31 20.64 -7.40
C ALA A 147 -4.89 19.49 -8.31
N LEU A 148 -4.94 18.24 -7.84
CA LEU A 148 -4.60 17.09 -8.67
C LEU A 148 -5.55 16.90 -9.87
N GLY A 149 -6.81 17.33 -9.74
CA GLY A 149 -7.82 17.12 -10.77
C GLY A 149 -8.15 15.66 -10.89
N CYS A 150 -8.27 14.99 -9.73
CA CYS A 150 -8.43 13.56 -9.41
C CYS A 150 -9.61 13.32 -8.46
N SER A 151 -10.49 14.28 -8.24
CA SER A 151 -11.45 14.21 -7.15
C SER A 151 -12.23 12.88 -7.01
N GLU A 152 -12.51 12.18 -8.11
CA GLU A 152 -13.18 10.90 -8.03
C GLU A 152 -12.21 9.81 -7.46
N LEU A 153 -10.96 9.79 -7.92
CA LEU A 153 -9.96 8.86 -7.40
C LEU A 153 -9.68 9.17 -5.92
N ILE A 154 -9.51 10.45 -5.56
CA ILE A 154 -9.27 10.86 -4.16
C ILE A 154 -10.40 10.36 -3.25
N SER A 155 -11.67 10.54 -3.69
CA SER A 155 -12.87 10.07 -3.01
C SER A 155 -12.82 8.56 -2.79
N SER A 156 -12.48 7.79 -3.83
CA SER A 156 -12.40 6.34 -3.72
C SER A 156 -11.35 5.92 -2.69
N ILE A 157 -10.20 6.57 -2.68
CA ILE A 157 -9.14 6.27 -1.73
C ILE A 157 -9.54 6.62 -0.29
N PHE A 158 -10.24 7.74 -0.10
CA PHE A 158 -10.71 8.12 1.23
C PHE A 158 -11.84 7.15 1.71
N ASP A 159 -12.68 6.68 0.77
CA ASP A 159 -13.74 5.73 1.11
C ASP A 159 -13.13 4.37 1.47
N PHE A 160 -12.07 3.96 0.75
CA PHE A 160 -11.43 2.70 0.99
C PHE A 160 -10.75 2.73 2.37
N SER A 161 -10.09 3.85 2.72
CA SER A 161 -9.48 3.98 4.04
C SER A 161 -10.54 4.03 5.14
N HIS A 162 -11.69 4.66 4.85
CA HIS A 162 -12.80 4.71 5.78
C HIS A 162 -13.37 3.32 6.03
N SER A 163 -13.49 2.52 4.98
CA SER A 163 -14.01 1.17 5.07
C SER A 163 -13.01 0.21 5.79
N LEU A 164 -11.68 0.46 5.71
CA LEU A 164 -10.70 -0.38 6.44
C LEU A 164 -10.66 0.01 7.92
N SER A 165 -10.91 1.29 8.22
CA SER A 165 -11.01 1.82 9.58
C SER A 165 -12.15 1.16 10.35
N ALA A 166 -13.28 0.90 9.68
CA ALA A 166 -14.43 0.27 10.34
C ALA A 166 -14.14 -1.15 10.84
N LEU A 167 -13.05 -1.79 10.33
CA LEU A 167 -12.63 -3.13 10.76
C LEU A 167 -11.74 -3.11 12.01
N HIS A 168 -11.25 -1.93 12.44
CA HIS A 168 -10.38 -1.82 13.62
C HIS A 168 -9.21 -2.82 13.64
N PHE A 169 -8.49 -2.91 12.52
CA PHE A 169 -7.37 -3.83 12.37
C PHE A 169 -6.30 -3.59 13.40
N SER A 170 -5.74 -4.67 13.95
CA SER A 170 -4.55 -4.56 14.78
C SER A 170 -3.37 -4.52 13.78
N GLU A 171 -2.18 -4.13 14.26
CA GLU A 171 -0.99 -4.10 13.42
C GLU A 171 -0.64 -5.51 12.85
N ASP A 172 -0.79 -6.56 13.67
CA ASP A 172 -0.56 -7.94 13.25
C ASP A 172 -1.52 -8.36 12.14
N GLU A 173 -2.77 -7.85 12.17
CA GLU A 173 -3.76 -8.21 11.16
C GLU A 173 -3.40 -7.59 9.83
N ILE A 174 -2.95 -6.31 9.85
CA ILE A 174 -2.51 -5.61 8.63
C ILE A 174 -1.26 -6.31 8.09
N ALA A 175 -0.33 -6.75 8.96
CA ALA A 175 0.87 -7.46 8.52
C ALA A 175 0.52 -8.74 7.74
N LEU A 176 -0.43 -9.55 8.28
CA LEU A 176 -0.79 -10.79 7.64
C LEU A 176 -1.61 -10.54 6.38
N TYR A 177 -2.54 -9.57 6.42
CA TYR A 177 -3.35 -9.23 5.27
C TYR A 177 -2.49 -8.67 4.13
N THR A 178 -1.56 -7.74 4.41
CA THR A 178 -0.72 -7.16 3.34
C THR A 178 0.25 -8.18 2.74
N ALA A 179 0.72 -9.16 3.53
CA ALA A 179 1.56 -10.23 2.98
C ALA A 179 0.78 -11.01 1.92
N LEU A 180 -0.51 -11.26 2.18
CA LEU A 180 -1.39 -11.95 1.25
C LEU A 180 -1.73 -11.12 0.02
N VAL A 181 -1.81 -9.79 0.17
CA VAL A 181 -2.07 -8.88 -0.94
C VAL A 181 -0.90 -9.02 -1.95
N LEU A 182 0.32 -9.04 -1.43
CA LEU A 182 1.55 -9.15 -2.17
C LEU A 182 1.76 -10.56 -2.76
N ILE A 183 1.62 -11.62 -1.94
CA ILE A 183 1.84 -13.00 -2.39
C ILE A 183 0.55 -13.56 -2.98
N ASN A 184 0.24 -13.21 -4.22
CA ASN A 184 -0.98 -13.61 -4.92
C ASN A 184 -0.57 -14.49 -6.10
N ALA A 185 -0.91 -15.79 -6.05
CA ALA A 185 -0.52 -16.73 -7.11
C ALA A 185 -1.27 -16.58 -8.43
N HIS A 186 -2.33 -15.77 -8.47
CA HIS A 186 -3.12 -15.56 -9.68
C HIS A 186 -2.57 -14.45 -10.58
N ARG A 187 -1.50 -13.73 -10.17
CA ARG A 187 -0.99 -12.63 -10.98
C ARG A 187 -0.51 -13.14 -12.32
N PRO A 188 -0.96 -12.53 -13.42
CA PRO A 188 -0.46 -12.94 -14.74
C PRO A 188 1.04 -12.68 -14.87
N GLY A 189 1.75 -13.61 -15.46
CA GLY A 189 3.18 -13.43 -15.68
C GLY A 189 4.12 -14.25 -14.84
N LEU A 190 3.53 -14.99 -13.87
CA LEU A 190 4.28 -15.85 -12.97
C LEU A 190 4.78 -17.09 -13.71
N GLN A 191 6.08 -17.33 -13.63
CA GLN A 191 6.71 -18.47 -14.26
C GLN A 191 6.61 -19.71 -13.36
N GLU A 192 6.75 -19.54 -12.04
CA GLU A 192 6.61 -20.65 -11.12
C GLU A 192 5.34 -20.44 -10.27
N LYS A 193 4.15 -20.63 -10.89
CA LYS A 193 2.85 -20.47 -10.24
C LYS A 193 2.74 -21.31 -8.96
N ARG A 194 3.18 -22.58 -9.00
CA ARG A 194 3.12 -23.50 -7.87
C ARG A 194 3.92 -23.07 -6.65
N LYS A 195 5.12 -22.49 -6.84
CA LYS A 195 5.93 -22.04 -5.70
C LYS A 195 5.26 -20.86 -4.98
N VAL A 196 4.60 -19.96 -5.75
CA VAL A 196 3.87 -18.84 -5.20
C VAL A 196 2.57 -19.34 -4.53
N GLU A 197 1.90 -20.35 -5.13
CA GLU A 197 0.68 -20.96 -4.60
C GLU A 197 0.96 -21.57 -3.21
N GLN A 198 2.13 -22.22 -3.06
CA GLN A 198 2.53 -22.85 -1.80
C GLN A 198 2.69 -21.78 -0.74
N LEU A 199 3.45 -20.70 -1.05
CA LEU A 199 3.69 -19.58 -0.15
C LEU A 199 2.39 -18.82 0.19
N GLN A 200 1.49 -18.63 -0.78
CA GLN A 200 0.21 -17.99 -0.53
C GLN A 200 -0.61 -18.85 0.46
N TYR A 201 -0.59 -20.16 0.29
CA TYR A 201 -1.32 -21.09 1.13
C TYR A 201 -0.82 -21.09 2.60
N ASN A 202 0.51 -21.03 2.79
CA ASN A 202 1.07 -20.96 4.14
C ASN A 202 0.69 -19.66 4.82
N LEU A 203 0.73 -18.55 4.06
CA LEU A 203 0.34 -17.24 4.58
C LEU A 203 -1.17 -17.20 4.88
N GLU A 204 -1.98 -17.89 4.08
CA GLU A 204 -3.44 -17.96 4.33
C GLU A 204 -3.70 -18.71 5.64
N LEU A 205 -2.98 -19.80 5.86
CA LEU A 205 -3.07 -20.60 7.08
C LEU A 205 -2.65 -19.77 8.28
N ALA A 206 -1.57 -18.97 8.14
CA ALA A 206 -1.07 -18.12 9.20
C ALA A 206 -2.09 -17.04 9.56
N PHE A 207 -2.70 -16.39 8.54
CA PHE A 207 -3.69 -15.35 8.76
C PHE A 207 -4.95 -15.94 9.40
N HIS A 208 -5.51 -17.02 8.84
CA HIS A 208 -6.73 -17.60 9.39
C HIS A 208 -6.49 -18.18 10.79
N HIS A 209 -5.31 -18.76 11.03
CA HIS A 209 -4.92 -19.26 12.34
C HIS A 209 -4.89 -18.12 13.36
N HIS A 210 -4.27 -17.00 13.00
CA HIS A 210 -4.23 -15.84 13.88
C HIS A 210 -5.62 -15.27 14.16
N LEU A 211 -6.50 -15.22 13.14
CA LEU A 211 -7.87 -14.74 13.34
C LEU A 211 -8.66 -15.68 14.24
N CYS A 212 -8.47 -16.99 14.08
CA CYS A 212 -9.18 -17.99 14.85
C CYS A 212 -8.75 -17.88 16.33
N LYS A 213 -7.44 -17.84 16.57
CA LYS A 213 -6.85 -17.73 17.90
C LYS A 213 -7.28 -16.46 18.64
N THR A 214 -7.41 -15.32 17.93
CA THR A 214 -7.81 -14.07 18.55
C THR A 214 -9.31 -13.78 18.51
N HIS A 215 -10.14 -14.74 18.03
CA HIS A 215 -11.59 -14.54 17.92
C HIS A 215 -11.93 -13.35 17.01
N ARG A 216 -11.28 -13.28 15.85
CA ARG A 216 -11.46 -12.22 14.89
C ARG A 216 -11.84 -12.72 13.49
N GLN A 217 -12.33 -13.96 13.36
CA GLN A 217 -12.74 -14.53 12.07
C GLN A 217 -13.92 -13.80 11.43
N SER A 218 -14.64 -12.97 12.20
CA SER A 218 -15.77 -12.21 11.69
C SER A 218 -15.35 -11.18 10.63
N ILE A 219 -14.08 -10.74 10.65
CA ILE A 219 -13.58 -9.80 9.65
C ILE A 219 -13.49 -10.42 8.27
N LEU A 220 -13.44 -11.75 8.14
CA LEU A 220 -13.31 -12.43 6.86
C LEU A 220 -14.35 -12.02 5.83
N ALA A 221 -15.62 -11.95 6.26
CA ALA A 221 -16.69 -11.53 5.37
C ALA A 221 -16.66 -10.05 5.02
N LYS A 222 -16.02 -9.23 5.86
CA LYS A 222 -15.93 -7.78 5.76
C LYS A 222 -14.67 -7.23 5.05
N LEU A 223 -13.71 -8.09 4.70
CA LEU A 223 -12.52 -7.66 3.98
C LEU A 223 -12.94 -7.22 2.57
N PRO A 224 -12.29 -6.20 2.00
CA PRO A 224 -12.67 -5.75 0.65
C PRO A 224 -12.49 -6.82 -0.41
N PRO A 225 -13.38 -6.84 -1.42
CA PRO A 225 -13.18 -7.79 -2.54
C PRO A 225 -11.86 -7.50 -3.28
N LYS A 226 -11.24 -8.52 -3.90
CA LYS A 226 -9.94 -8.30 -4.59
C LYS A 226 -10.05 -7.34 -5.80
N GLY A 227 -11.24 -7.28 -6.41
CA GLY A 227 -11.51 -6.39 -7.52
C GLY A 227 -11.51 -4.92 -7.12
N LYS A 228 -11.73 -4.63 -5.82
CA LYS A 228 -11.74 -3.26 -5.30
C LYS A 228 -10.30 -2.65 -5.33
N LEU A 229 -9.30 -3.43 -4.89
CA LEU A 229 -7.91 -2.98 -4.90
C LEU A 229 -7.41 -2.83 -6.34
N ARG A 230 -7.83 -3.75 -7.21
CA ARG A 230 -7.52 -3.75 -8.62
C ARG A 230 -8.12 -2.46 -9.27
N SER A 231 -9.38 -2.14 -8.98
CA SER A 231 -10.03 -0.93 -9.51
C SER A 231 -9.32 0.39 -9.09
N LEU A 232 -8.84 0.47 -7.84
CA LEU A 232 -8.13 1.68 -7.37
C LEU A 232 -6.81 1.86 -8.10
N CYS A 233 -6.08 0.77 -8.33
CA CYS A 233 -4.82 0.81 -9.06
C CYS A 233 -5.01 1.15 -10.49
N SER A 234 -6.08 0.64 -11.11
CA SER A 234 -6.39 0.95 -12.49
C SER A 234 -6.71 2.42 -12.64
N GLN A 235 -7.50 2.99 -11.71
CA GLN A 235 -7.86 4.39 -11.72
C GLN A 235 -6.62 5.25 -11.59
N HIS A 236 -5.69 4.85 -10.70
CA HIS A 236 -4.43 5.57 -10.53
C HIS A 236 -3.65 5.64 -11.86
N VAL A 237 -3.52 4.49 -12.56
CA VAL A 237 -2.83 4.42 -13.86
C VAL A 237 -3.55 5.25 -14.95
N GLU A 238 -4.90 5.24 -14.96
CA GLU A 238 -5.68 6.04 -15.91
C GLU A 238 -5.51 7.56 -15.67
N ARG A 239 -5.57 8.02 -14.40
CA ARG A 239 -5.38 9.44 -14.11
C ARG A 239 -3.95 9.87 -14.39
N LEU A 240 -2.96 8.97 -14.21
CA LEU A 240 -1.56 9.24 -14.50
C LEU A 240 -1.40 9.41 -16.01
N GLN A 241 -2.00 8.53 -16.82
CA GLN A 241 -1.92 8.65 -18.26
C GLN A 241 -2.50 10.00 -18.76
N ILE A 242 -3.61 10.45 -18.16
CA ILE A 242 -4.21 11.75 -18.49
C ILE A 242 -3.21 12.88 -18.16
N PHE A 243 -2.57 12.83 -16.97
CA PHE A 243 -1.62 13.85 -16.56
C PHE A 243 -0.37 13.86 -17.43
N GLN A 244 0.19 12.69 -17.74
CA GLN A 244 1.40 12.54 -18.54
C GLN A 244 1.19 13.00 -19.99
N HIS A 245 -0.03 12.85 -20.51
CA HIS A 245 -0.35 13.31 -21.87
C HIS A 245 -0.27 14.84 -21.91
N LEU A 246 -0.76 15.52 -20.87
CA LEU A 246 -0.75 16.97 -20.75
C LEU A 246 0.57 17.56 -20.27
N HIS A 247 1.38 16.78 -19.53
CA HIS A 247 2.65 17.27 -19.01
C HIS A 247 3.77 16.21 -19.19
N PRO A 248 4.12 15.83 -20.43
CA PRO A 248 5.12 14.77 -20.61
C PRO A 248 6.52 15.08 -20.12
N ILE A 249 6.95 16.34 -20.25
CA ILE A 249 8.28 16.73 -19.78
C ILE A 249 8.33 16.77 -18.27
N VAL A 250 7.21 17.08 -17.58
CA VAL A 250 7.20 17.09 -16.11
C VAL A 250 7.45 15.68 -15.59
N VAL A 251 6.79 14.67 -16.20
CA VAL A 251 6.95 13.27 -15.81
C VAL A 251 8.38 12.78 -16.07
N GLN A 252 8.90 13.10 -17.25
CA GLN A 252 10.23 12.71 -17.63
C GLN A 252 11.29 13.37 -16.74
N ALA A 253 11.20 14.68 -16.52
CA ALA A 253 12.21 15.40 -15.74
C ALA A 253 12.07 15.40 -14.21
N ALA A 254 10.84 15.37 -13.65
CA ALA A 254 10.68 15.53 -12.20
C ALA A 254 9.93 14.42 -11.46
N PHE A 255 9.55 13.32 -12.13
CA PHE A 255 8.88 12.20 -11.44
C PHE A 255 9.94 11.16 -11.08
N PRO A 256 9.80 10.48 -9.94
CA PRO A 256 10.82 9.50 -9.55
C PRO A 256 10.92 8.34 -10.53
N PRO A 257 12.14 7.90 -10.83
CA PRO A 257 12.32 6.77 -11.76
C PRO A 257 11.54 5.51 -11.37
N LEU A 258 11.49 5.18 -10.08
CA LEU A 258 10.76 4.00 -9.59
C LEU A 258 9.24 4.12 -9.85
N TYR A 259 8.70 5.35 -9.74
CA TYR A 259 7.29 5.60 -10.01
C TYR A 259 6.99 5.35 -11.48
N LYS A 260 7.81 5.91 -12.40
CA LYS A 260 7.58 5.71 -13.84
C LYS A 260 7.66 4.25 -14.24
N GLU A 261 8.61 3.51 -13.66
CA GLU A 261 8.75 2.10 -13.93
C GLU A 261 7.49 1.30 -13.51
N LEU A 262 6.90 1.62 -12.36
CA LEU A 262 5.72 0.90 -11.89
C LEU A 262 4.41 1.32 -12.55
N PHE A 263 4.25 2.59 -12.86
CA PHE A 263 2.96 3.10 -13.30
C PHE A 263 2.88 3.72 -14.68
N SER A 264 3.99 4.21 -15.24
CA SER A 264 3.95 4.87 -16.55
C SER A 264 3.80 3.89 -17.74
N LYS A 277 16.65 -2.10 -14.62
CA LYS A 277 15.60 -1.28 -14.02
C LYS A 277 15.79 -1.08 -12.49
N ILE A 278 15.07 -0.10 -11.90
CA ILE A 278 15.17 0.30 -10.48
C ILE A 278 14.80 -0.84 -9.53
N LEU A 279 13.77 -1.60 -9.88
CA LEU A 279 13.31 -2.73 -9.08
C LEU A 279 14.37 -3.81 -8.98
N HIS A 280 15.05 -4.09 -10.10
CA HIS A 280 16.11 -5.10 -10.15
C HIS A 280 17.26 -4.72 -9.22
N ARG A 281 17.58 -3.43 -9.12
CA ARG A 281 18.65 -2.93 -8.25
C ARG A 281 18.24 -3.05 -6.77
N LEU A 282 16.99 -2.65 -6.44
CA LEU A 282 16.46 -2.71 -5.08
C LEU A 282 16.41 -4.16 -4.58
N LEU A 283 16.05 -5.10 -5.46
CA LEU A 283 15.96 -6.51 -5.09
C LEU A 283 17.34 -7.19 -4.93
N GLN A 284 18.37 -6.73 -5.65
CA GLN A 284 19.72 -7.28 -5.55
C GLN A 284 20.35 -6.89 -4.22
N GLU A 285 20.18 -5.62 -3.80
CA GLU A 285 20.72 -5.06 -2.56
C GLU A 285 20.47 -5.91 -1.33
#